data_6V8N
#
_entry.id   6V8N
#
_cell.length_a   45.650
_cell.length_b   104.820
_cell.length_c   169.120
_cell.angle_alpha   90.000
_cell.angle_beta   90.000
_cell.angle_gamma   90.000
#
_symmetry.space_group_name_H-M   'C 2 2 21'
#
loop_
_entity.id
_entity.type
_entity.pdbx_description
1 polymer 'Histone acetyltransferase p300'
2 non-polymer 'SULFATE ION'
3 non-polymer 'CHLORIDE ION'
4 non-polymer (2R)-2-{[(2S)-2-(4-cyanophenyl)propyl]amino}-N-[5-(1-methyl-1H-pyrazol-4-yl)pyridin-2-yl]-2-phenylacetamide
5 water water
#
_entity_poly.entity_id   1
_entity_poly.type   'polypeptide(L)'
_entity_poly.pdbx_seq_one_letter_code
;MKFSAKRLPSTRLGTFLENRVNDFLRRQNHPESGEVTVRVVHASDKTVEV(ALY)PGMKARFVDSGEMAESFPYRTKALF
AFEEIDGVDLCFFGMHVQEYGSDCPPPNQRRVYISYLDSVHFFRPKCLRTAVYHEILIGYLEYVKKLGYTTGHIWACPPS
EGDDYIFHCHPPDQKIPKPKRLQEWYKKMLDKAVSERIVHDYKDIFKQATEDRLTSAKELPYFEGDFWPNVLEESIKELE
QKTSKNKSSLSRGNKKKPGMPNVSNDLSQKLYATMEKHKEVFFVIRLIAGPAANSLPPIVDPDPLIPCDLMDGRDAFLTL
ARDKHLEFSSLRRAQWSTGCMLVELHTQSQDRF
;
_entity_poly.pdbx_strand_id   A
#
# COMPACT_ATOMS: atom_id res chain seq x y z
N PHE A 3 13.01 -24.08 10.81
CA PHE A 3 12.21 -22.85 10.60
C PHE A 3 11.96 -22.70 9.11
N SER A 4 10.71 -22.41 8.71
CA SER A 4 10.28 -22.15 7.31
C SER A 4 9.03 -21.26 7.33
N ALA A 5 8.63 -20.78 6.15
CA ALA A 5 7.57 -19.77 5.91
C ALA A 5 6.24 -20.30 6.43
N LYS A 6 5.93 -21.54 6.05
CA LYS A 6 4.71 -22.28 6.44
C LYS A 6 4.51 -22.18 7.95
N ARG A 7 5.56 -22.40 8.74
CA ARG A 7 5.50 -22.49 10.23
C ARG A 7 5.34 -21.08 10.83
N LEU A 8 5.28 -20.01 10.05
CA LEU A 8 4.91 -18.68 10.62
C LEU A 8 3.41 -18.73 10.97
N PRO A 9 2.96 -18.20 12.12
CA PRO A 9 1.53 -18.23 12.47
C PRO A 9 0.60 -17.73 11.34
N SER A 10 -0.61 -18.31 11.23
CA SER A 10 -1.62 -18.02 10.19
C SER A 10 -2.48 -16.81 10.57
N THR A 11 -3.05 -16.19 9.56
CA THR A 11 -4.10 -15.14 9.66
C THR A 11 -5.11 -15.42 8.56
N ARG A 12 -6.35 -14.94 8.71
CA ARG A 12 -7.38 -15.03 7.63
C ARG A 12 -6.86 -14.32 6.36
N LEU A 13 -6.29 -13.12 6.52
CA LEU A 13 -5.82 -12.33 5.35
C LEU A 13 -4.78 -13.14 4.60
N GLY A 14 -3.83 -13.74 5.28
CA GLY A 14 -2.73 -14.46 4.63
C GLY A 14 -3.21 -15.78 4.04
N THR A 15 -4.08 -16.50 4.75
CA THR A 15 -4.74 -17.75 4.24
C THR A 15 -5.49 -17.43 2.93
N PHE A 16 -6.27 -16.35 2.89
CA PHE A 16 -7.04 -15.94 1.70
C PHE A 16 -6.11 -15.65 0.50
N LEU A 17 -5.06 -14.87 0.73
CA LEU A 17 -4.13 -14.52 -0.37
C LEU A 17 -3.34 -15.73 -0.89
N GLU A 18 -2.87 -16.62 -0.01
CA GLU A 18 -2.08 -17.73 -0.54
C GLU A 18 -3.04 -18.68 -1.26
N ASN A 19 -4.32 -18.81 -0.82
CA ASN A 19 -5.29 -19.69 -1.52
C ASN A 19 -5.57 -19.18 -2.93
N ARG A 20 -5.83 -17.89 -3.09
CA ARG A 20 -6.08 -17.29 -4.42
C ARG A 20 -4.83 -17.48 -5.30
N VAL A 21 -3.62 -17.39 -4.76
CA VAL A 21 -2.39 -17.50 -5.60
C VAL A 21 -2.19 -18.96 -6.04
N ASN A 22 -2.31 -19.90 -5.13
CA ASN A 22 -2.09 -21.35 -5.43
C ASN A 22 -3.26 -21.87 -6.28
N ASP A 23 -4.49 -21.36 -6.13
CA ASP A 23 -5.58 -21.75 -7.06
C ASP A 23 -5.20 -21.30 -8.47
N PHE A 24 -4.67 -20.08 -8.62
CA PHE A 24 -4.25 -19.49 -9.90
C PHE A 24 -3.13 -20.36 -10.51
N LEU A 25 -2.11 -20.76 -9.73
CA LEU A 25 -0.94 -21.51 -10.25
C LEU A 25 -1.34 -22.93 -10.67
N ARG A 26 -2.16 -23.62 -9.88
CA ARG A 26 -2.61 -25.02 -10.15
C ARG A 26 -3.33 -25.10 -11.49
N ARG A 27 -4.10 -24.07 -11.81
CA ARG A 27 -4.85 -23.89 -13.06
C ARG A 27 -3.87 -23.59 -14.21
N GLN A 28 -2.79 -22.87 -13.93
CA GLN A 28 -1.71 -22.63 -14.92
C GLN A 28 -0.95 -23.95 -15.18
N ASN A 29 -0.83 -24.84 -14.19
CA ASN A 29 -0.19 -26.18 -14.34
C ASN A 29 1.15 -26.04 -15.08
N HIS A 30 1.94 -25.02 -14.75
CA HIS A 30 3.31 -24.84 -15.25
C HIS A 30 4.26 -25.66 -14.36
N PRO A 31 5.12 -26.56 -14.90
CA PRO A 31 5.93 -27.43 -14.04
C PRO A 31 7.10 -26.71 -13.33
N GLU A 32 7.47 -25.51 -13.75
CA GLU A 32 8.60 -24.77 -13.12
C GLU A 32 8.13 -24.16 -11.78
N SER A 33 6.82 -24.08 -11.52
CA SER A 33 6.29 -23.29 -10.37
C SER A 33 6.35 -24.13 -9.10
N GLY A 34 6.29 -23.48 -7.92
CA GLY A 34 6.30 -24.11 -6.59
C GLY A 34 5.23 -23.51 -5.68
N GLU A 35 4.96 -24.12 -4.53
CA GLU A 35 3.88 -23.65 -3.61
C GLU A 35 4.30 -22.25 -3.19
N VAL A 36 3.30 -21.43 -2.91
CA VAL A 36 3.46 -20.04 -2.42
C VAL A 36 2.84 -19.97 -1.03
N THR A 37 3.51 -19.34 -0.09
CA THR A 37 3.04 -19.07 1.27
C THR A 37 2.97 -17.56 1.41
N VAL A 38 1.98 -17.05 2.11
CA VAL A 38 1.74 -15.62 2.35
C VAL A 38 1.51 -15.49 3.85
N ARG A 39 2.31 -14.64 4.51
CA ARG A 39 2.19 -14.45 5.98
C ARG A 39 2.15 -12.95 6.26
N VAL A 40 1.15 -12.53 7.03
CA VAL A 40 1.17 -11.23 7.76
C VAL A 40 2.15 -11.42 8.91
N VAL A 41 3.17 -10.55 9.03
CA VAL A 41 4.20 -10.71 10.08
C VAL A 41 4.23 -9.48 11.01
N HIS A 42 3.41 -8.45 10.76
CA HIS A 42 3.25 -7.28 11.67
C HIS A 42 1.87 -6.67 11.46
N ALA A 43 1.19 -6.36 12.55
CA ALA A 43 -0.10 -5.63 12.60
C ALA A 43 -0.20 -4.80 13.89
N SER A 44 -0.34 -3.48 13.82
CA SER A 44 -0.39 -2.65 15.04
C SER A 44 -1.12 -1.35 14.78
N ASP A 45 -1.55 -0.72 15.85
CA ASP A 45 -2.46 0.44 15.86
C ASP A 45 -1.56 1.66 15.94
N LYS A 46 -1.80 2.61 15.06
CA LYS A 46 -0.97 3.80 14.82
C LYS A 46 -1.95 4.96 14.65
N THR A 47 -1.41 6.16 14.59
CA THR A 47 -2.17 7.40 14.40
C THR A 47 -1.39 8.22 13.39
N VAL A 48 -2.09 8.93 12.51
CA VAL A 48 -1.46 10.03 11.72
C VAL A 48 -2.01 11.39 12.23
N GLU A 49 -1.10 12.28 12.62
CA GLU A 49 -1.30 13.64 13.16
C GLU A 49 -1.41 14.59 11.97
N VAL A 50 -2.45 15.38 11.95
CA VAL A 50 -2.54 16.57 11.07
C VAL A 50 -1.36 17.46 11.44
N PRO A 52 1.20 20.95 11.29
CA PRO A 52 0.86 22.26 11.89
C PRO A 52 0.08 23.24 10.99
N GLY A 53 0.40 23.30 9.70
CA GLY A 53 -0.33 24.16 8.75
C GLY A 53 -1.83 23.88 8.76
N MET A 54 -2.23 22.65 8.46
CA MET A 54 -3.64 22.20 8.44
C MET A 54 -4.23 22.21 9.85
N LYS A 55 -3.45 21.91 10.88
CA LYS A 55 -3.94 21.95 12.26
C LYS A 55 -4.39 23.36 12.56
N ALA A 56 -3.60 24.40 12.31
CA ALA A 56 -3.99 25.81 12.55
C ALA A 56 -5.27 26.10 11.76
N ARG A 57 -5.36 25.68 10.51
CA ARG A 57 -6.46 26.10 9.62
C ARG A 57 -7.73 25.28 9.89
N PHE A 58 -7.68 23.98 10.13
CA PHE A 58 -8.90 23.10 10.20
C PHE A 58 -9.12 22.45 11.55
N VAL A 59 -8.05 22.12 12.27
CA VAL A 59 -8.21 21.35 13.54
C VAL A 59 -8.64 22.33 14.67
N ASP A 60 -7.92 23.44 14.79
CA ASP A 60 -8.08 24.52 15.77
C ASP A 60 -9.50 25.10 15.69
N SER A 61 -10.18 25.06 14.54
CA SER A 61 -11.52 25.68 14.30
C SER A 61 -12.63 24.63 14.46
N GLY A 62 -12.25 23.40 14.86
CA GLY A 62 -13.19 22.29 15.11
C GLY A 62 -13.66 21.61 13.84
N GLU A 63 -13.16 21.99 12.65
CA GLU A 63 -13.66 21.52 11.32
C GLU A 63 -13.14 20.12 10.99
N MET A 64 -12.01 19.70 11.56
CA MET A 64 -11.32 18.45 11.16
C MET A 64 -10.69 17.80 12.40
N ALA A 65 -10.58 16.49 12.42
CA ALA A 65 -9.99 15.71 13.53
C ALA A 65 -8.49 16.03 13.66
N GLU A 66 -7.98 15.99 14.87
CA GLU A 66 -6.56 16.27 15.18
C GLU A 66 -5.68 15.12 14.65
N SER A 67 -6.22 13.89 14.61
CA SER A 67 -5.45 12.70 14.17
C SER A 67 -6.41 11.56 13.75
N PHE A 68 -5.91 10.63 12.93
CA PHE A 68 -6.66 9.49 12.33
C PHE A 68 -6.02 8.19 12.71
N PRO A 69 -6.75 7.33 13.46
CA PRO A 69 -6.24 6.01 13.85
C PRO A 69 -6.26 5.08 12.63
N TYR A 70 -5.24 4.26 12.44
CA TYR A 70 -5.27 3.22 11.40
C TYR A 70 -4.59 1.99 11.93
N ARG A 71 -4.72 0.89 11.21
CA ARG A 71 -3.91 -0.29 11.50
C ARG A 71 -2.89 -0.44 10.39
N THR A 72 -1.60 -0.61 10.71
CA THR A 72 -0.52 -0.94 9.75
C THR A 72 -0.36 -2.45 9.70
N LYS A 73 -0.11 -3.03 8.52
CA LYS A 73 0.25 -4.46 8.40
C LYS A 73 1.37 -4.63 7.39
N ALA A 74 2.28 -5.54 7.69
CA ALA A 74 3.33 -5.98 6.76
C ALA A 74 2.94 -7.39 6.37
N LEU A 75 3.05 -7.69 5.08
CA LEU A 75 2.92 -9.11 4.65
C LEU A 75 3.92 -9.44 3.53
N PHE A 76 4.39 -10.67 3.56
CA PHE A 76 5.40 -11.25 2.65
C PHE A 76 4.85 -12.48 1.96
N ALA A 77 5.22 -12.68 0.70
CA ALA A 77 4.95 -13.91 -0.07
C ALA A 77 6.25 -14.68 -0.31
N PHE A 78 6.17 -16.02 -0.29
CA PHE A 78 7.30 -16.96 -0.42
C PHE A 78 6.95 -18.04 -1.43
N GLU A 79 7.92 -18.44 -2.26
CA GLU A 79 7.80 -19.56 -3.23
C GLU A 79 8.84 -20.65 -2.88
N GLU A 80 8.47 -21.94 -2.90
CA GLU A 80 9.42 -23.08 -2.88
C GLU A 80 10.16 -23.11 -4.22
N ILE A 81 11.47 -22.89 -4.21
CA ILE A 81 12.40 -23.19 -5.34
C ILE A 81 13.41 -24.21 -4.83
N ASP A 82 13.56 -25.35 -5.52
CA ASP A 82 14.54 -26.44 -5.21
C ASP A 82 14.40 -26.81 -3.74
N GLY A 83 13.16 -26.91 -3.25
CA GLY A 83 12.86 -27.35 -1.87
C GLY A 83 12.98 -26.22 -0.86
N VAL A 84 13.56 -25.08 -1.27
CA VAL A 84 13.95 -23.96 -0.38
C VAL A 84 13.00 -22.77 -0.59
N ASP A 85 12.66 -22.05 0.50
CA ASP A 85 11.75 -20.88 0.48
C ASP A 85 12.49 -19.65 -0.06
N LEU A 86 11.87 -18.92 -1.00
CA LEU A 86 12.39 -17.62 -1.51
C LEU A 86 11.33 -16.54 -1.32
N CYS A 87 11.65 -15.50 -0.55
CA CYS A 87 10.77 -14.32 -0.32
C CYS A 87 10.88 -13.39 -1.53
N PHE A 88 9.79 -13.16 -2.25
CA PHE A 88 9.86 -12.54 -3.59
C PHE A 88 8.98 -11.27 -3.64
N PHE A 89 8.17 -11.02 -2.61
CA PHE A 89 7.21 -9.90 -2.56
C PHE A 89 6.87 -9.48 -1.13
N GLY A 90 6.68 -8.18 -0.96
CA GLY A 90 6.53 -7.54 0.36
C GLY A 90 5.64 -6.34 0.21
N MET A 91 4.80 -6.07 1.20
CA MET A 91 3.87 -4.94 1.14
C MET A 91 3.58 -4.45 2.56
N HIS A 92 3.51 -3.13 2.73
CA HIS A 92 3.05 -2.42 3.96
C HIS A 92 1.80 -1.65 3.59
N VAL A 93 0.73 -1.80 4.36
CA VAL A 93 -0.59 -1.16 4.15
C VAL A 93 -1.04 -0.42 5.44
N GLN A 94 -1.82 0.64 5.25
CA GLN A 94 -2.50 1.45 6.28
C GLN A 94 -4.01 1.23 6.07
N GLU A 95 -4.72 0.73 7.09
CA GLU A 95 -6.19 0.51 7.04
C GLU A 95 -6.88 1.43 8.05
N TYR A 96 -7.80 2.27 7.55
CA TYR A 96 -8.61 3.25 8.33
C TYR A 96 -10.03 2.70 8.39
N GLY A 97 -10.53 2.34 9.58
CA GLY A 97 -11.77 1.56 9.74
C GLY A 97 -13.00 2.43 9.85
N SER A 98 -14.11 1.81 10.22
CA SER A 98 -15.45 2.43 10.21
C SER A 98 -15.55 3.47 11.32
N ASP A 99 -14.74 3.36 12.38
CA ASP A 99 -14.73 4.29 13.55
C ASP A 99 -13.82 5.53 13.30
N CYS A 100 -13.06 5.51 12.23
CA CYS A 100 -12.15 6.61 11.89
C CYS A 100 -12.96 7.79 11.38
N PRO A 101 -12.71 9.04 11.83
CA PRO A 101 -13.48 10.19 11.34
C PRO A 101 -13.23 10.40 9.84
N PRO A 102 -14.11 11.15 9.14
CA PRO A 102 -13.82 11.61 7.78
C PRO A 102 -12.65 12.59 7.77
N PRO A 103 -11.97 12.74 6.62
CA PRO A 103 -12.37 12.04 5.41
C PRO A 103 -11.74 10.67 5.26
N ASN A 104 -11.20 10.05 6.33
CA ASN A 104 -10.36 8.83 6.18
C ASN A 104 -11.16 7.53 6.32
N GLN A 105 -12.45 7.59 6.66
CA GLN A 105 -13.29 6.43 7.05
C GLN A 105 -13.28 5.31 5.97
N ARG A 106 -13.00 4.06 6.34
CA ARG A 106 -13.22 2.86 5.48
C ARG A 106 -12.30 2.89 4.25
N ARG A 107 -11.03 3.26 4.40
CA ARG A 107 -10.09 3.43 3.27
C ARG A 107 -8.85 2.61 3.53
N VAL A 108 -8.24 2.04 2.49
CA VAL A 108 -6.91 1.37 2.60
C VAL A 108 -5.92 2.10 1.71
N TYR A 109 -4.70 2.22 2.21
CA TYR A 109 -3.62 2.91 1.50
C TYR A 109 -2.43 1.99 1.48
N ILE A 110 -1.84 1.74 0.34
CA ILE A 110 -0.58 0.95 0.29
C ILE A 110 0.62 1.89 0.50
N SER A 111 1.36 1.72 1.59
CA SER A 111 2.52 2.61 1.89
C SER A 111 3.63 2.32 0.88
N TYR A 112 4.02 1.05 0.80
CA TYR A 112 5.20 0.51 0.08
C TYR A 112 4.87 -0.89 -0.41
N LEU A 113 5.23 -1.22 -1.65
CA LEU A 113 5.45 -2.63 -2.04
C LEU A 113 6.84 -2.78 -2.62
N ASP A 114 7.29 -4.02 -2.64
CA ASP A 114 8.63 -4.40 -3.14
C ASP A 114 8.61 -5.85 -3.62
N SER A 115 9.63 -6.18 -4.40
CA SER A 115 9.81 -7.53 -4.98
C SER A 115 11.29 -7.83 -5.22
N VAL A 116 11.63 -9.11 -5.26
CA VAL A 116 12.92 -9.65 -5.77
C VAL A 116 12.60 -10.53 -6.98
N HIS A 117 13.13 -10.23 -8.16
CA HIS A 117 12.56 -10.77 -9.42
C HIS A 117 12.91 -12.23 -9.68
N PHE A 118 12.84 -13.15 -8.70
CA PHE A 118 13.27 -14.55 -8.91
C PHE A 118 12.09 -15.52 -8.95
N PHE A 119 10.86 -15.05 -8.94
CA PHE A 119 9.70 -15.97 -8.95
C PHE A 119 9.81 -16.90 -10.18
N ARG A 120 9.58 -18.19 -10.01
CA ARG A 120 9.66 -19.16 -11.12
C ARG A 120 8.26 -19.69 -11.39
N PRO A 121 7.76 -19.63 -12.64
CA PRO A 121 8.47 -19.03 -13.78
C PRO A 121 8.27 -17.54 -14.14
N LYS A 122 9.20 -16.95 -14.90
CA LYS A 122 9.19 -15.52 -15.35
C LYS A 122 7.83 -15.16 -15.97
N CYS A 123 7.32 -16.05 -16.82
CA CYS A 123 6.12 -15.80 -17.63
C CYS A 123 4.88 -15.61 -16.74
N LEU A 124 4.90 -15.93 -15.43
CA LEU A 124 3.72 -15.82 -14.51
C LEU A 124 3.94 -14.81 -13.36
N ARG A 125 5.06 -14.14 -13.35
CA ARG A 125 5.52 -13.26 -12.27
C ARG A 125 4.55 -12.08 -12.11
N THR A 126 4.45 -11.26 -13.16
CA THR A 126 3.49 -10.16 -13.24
C THR A 126 2.12 -10.67 -12.78
N ALA A 127 1.65 -11.79 -13.34
CA ALA A 127 0.31 -12.31 -13.02
C ALA A 127 0.18 -12.55 -11.51
N VAL A 128 1.19 -13.19 -10.89
CA VAL A 128 1.09 -13.58 -9.45
C VAL A 128 1.09 -12.31 -8.62
N TYR A 129 1.89 -11.30 -8.98
CA TYR A 129 1.87 -10.00 -8.24
C TYR A 129 0.45 -9.47 -8.29
N HIS A 130 -0.18 -9.49 -9.47
CA HIS A 130 -1.57 -9.01 -9.65
C HIS A 130 -2.53 -9.82 -8.81
N GLU A 131 -2.37 -11.14 -8.76
CA GLU A 131 -3.26 -11.99 -7.92
C GLU A 131 -3.17 -11.55 -6.47
N ILE A 132 -1.99 -11.23 -5.96
CA ILE A 132 -1.82 -10.80 -4.54
C ILE A 132 -2.56 -9.46 -4.29
N LEU A 133 -2.34 -8.46 -5.14
CA LEU A 133 -2.92 -7.10 -4.92
C LEU A 133 -4.43 -7.16 -5.13
N ILE A 134 -4.90 -7.81 -6.18
CA ILE A 134 -6.36 -7.98 -6.39
C ILE A 134 -7.00 -8.74 -5.23
N GLY A 135 -6.39 -9.85 -4.84
CA GLY A 135 -6.83 -10.58 -3.63
C GLY A 135 -6.89 -9.67 -2.39
N TYR A 136 -5.92 -8.79 -2.19
CA TYR A 136 -5.93 -7.88 -1.02
C TYR A 136 -7.18 -6.97 -1.08
N LEU A 137 -7.38 -6.35 -2.24
CA LEU A 137 -8.56 -5.49 -2.52
C LEU A 137 -9.84 -6.32 -2.36
N GLU A 138 -9.88 -7.57 -2.79
CA GLU A 138 -11.08 -8.45 -2.61
C GLU A 138 -11.36 -8.57 -1.10
N TYR A 139 -10.32 -8.88 -0.34
CA TYR A 139 -10.42 -9.15 1.10
C TYR A 139 -10.93 -7.94 1.88
N VAL A 140 -10.39 -6.76 1.64
CA VAL A 140 -10.78 -5.58 2.44
C VAL A 140 -12.17 -5.14 1.95
N LYS A 141 -12.48 -5.37 0.68
CA LYS A 141 -13.84 -5.06 0.21
C LYS A 141 -14.88 -5.87 0.98
N LYS A 142 -14.62 -7.15 1.20
CA LYS A 142 -15.52 -8.06 1.93
C LYS A 142 -15.66 -7.60 3.39
N LEU A 143 -14.63 -7.06 4.01
CA LEU A 143 -14.73 -6.56 5.42
C LEU A 143 -15.55 -5.26 5.53
N GLY A 144 -15.70 -4.51 4.42
CA GLY A 144 -16.43 -3.23 4.34
C GLY A 144 -15.59 -2.00 4.05
N TYR A 145 -14.33 -2.11 3.63
CA TYR A 145 -13.54 -0.93 3.21
C TYR A 145 -14.05 -0.53 1.82
N THR A 146 -14.29 0.76 1.54
CA THR A 146 -14.95 1.22 0.29
C THR A 146 -13.97 1.68 -0.77
N THR A 147 -12.76 2.14 -0.39
CA THR A 147 -11.83 2.87 -1.29
C THR A 147 -10.39 2.43 -1.00
N GLY A 148 -9.64 2.09 -2.05
CA GLY A 148 -8.19 1.87 -2.04
C GLY A 148 -7.47 3.09 -2.64
N HIS A 149 -6.21 3.25 -2.31
CA HIS A 149 -5.39 4.44 -2.66
C HIS A 149 -3.99 3.95 -2.94
N ILE A 150 -3.49 4.23 -4.14
CA ILE A 150 -2.13 3.85 -4.55
C ILE A 150 -1.44 5.11 -5.05
N TRP A 151 -0.25 5.35 -4.53
CA TRP A 151 0.67 6.33 -5.11
C TRP A 151 1.69 5.54 -5.97
N ALA A 152 1.65 5.72 -7.27
CA ALA A 152 2.49 4.98 -8.24
C ALA A 152 3.83 5.70 -8.32
N CYS A 153 4.83 5.17 -7.65
CA CYS A 153 6.08 5.90 -7.37
C CYS A 153 7.18 4.88 -7.20
N PRO A 154 8.06 4.76 -8.21
CA PRO A 154 9.13 3.81 -8.11
C PRO A 154 10.22 4.37 -7.22
N PRO A 155 10.98 3.43 -6.65
CA PRO A 155 12.20 3.81 -5.95
C PRO A 155 13.15 4.60 -6.86
N SER A 156 13.92 5.50 -6.28
CA SER A 156 15.10 6.16 -6.91
C SER A 156 16.14 5.09 -7.24
N GLU A 157 17.01 5.37 -8.23
CA GLU A 157 18.18 4.53 -8.61
C GLU A 157 18.94 4.14 -7.33
N GLY A 158 19.27 2.85 -7.19
CA GLY A 158 20.08 2.29 -6.09
C GLY A 158 19.33 2.15 -4.76
N ASP A 159 18.19 2.83 -4.57
CA ASP A 159 17.40 2.81 -3.30
C ASP A 159 16.51 1.55 -3.25
N ASP A 160 16.11 1.13 -2.04
CA ASP A 160 15.41 -0.13 -1.74
C ASP A 160 14.24 0.20 -0.83
N TYR A 161 13.02 -0.08 -1.24
CA TYR A 161 11.82 0.17 -0.38
C TYR A 161 11.76 -0.86 0.76
N ILE A 162 11.88 -2.18 0.50
CA ILE A 162 11.73 -3.20 1.60
C ILE A 162 12.96 -4.10 1.67
N PHE A 163 13.41 -4.64 0.54
CA PHE A 163 14.47 -5.69 0.43
C PHE A 163 15.82 -5.03 0.18
N HIS A 164 16.82 -5.29 1.03
CA HIS A 164 18.19 -4.73 0.92
C HIS A 164 19.00 -5.32 -0.25
N CYS A 165 19.61 -4.43 -1.09
CA CYS A 165 20.49 -4.70 -2.27
C CYS A 165 19.80 -5.66 -3.27
N HIS A 166 19.07 -5.10 -4.23
CA HIS A 166 18.36 -5.86 -5.30
C HIS A 166 19.40 -6.36 -6.33
N PRO A 167 19.04 -7.35 -7.20
CA PRO A 167 19.92 -7.80 -8.26
C PRO A 167 20.27 -6.65 -9.22
N PRO A 168 21.54 -6.58 -9.66
CA PRO A 168 21.98 -5.54 -10.61
C PRO A 168 21.13 -5.45 -11.88
N ASP A 169 20.57 -6.58 -12.34
CA ASP A 169 19.79 -6.69 -13.60
C ASP A 169 18.28 -6.59 -13.34
N GLN A 170 17.85 -6.48 -12.07
CA GLN A 170 16.42 -6.13 -11.77
C GLN A 170 16.27 -4.62 -11.96
N LYS A 171 15.60 -4.21 -13.03
CA LYS A 171 15.48 -2.81 -13.48
C LYS A 171 14.29 -2.17 -12.75
N ILE A 172 14.45 -0.90 -12.41
CA ILE A 172 13.35 -0.11 -11.85
C ILE A 172 12.48 0.32 -13.00
N PRO A 173 11.15 0.04 -12.96
CA PRO A 173 10.27 0.62 -13.96
C PRO A 173 10.30 2.16 -13.90
N LYS A 174 10.24 2.75 -15.08
CA LYS A 174 9.98 4.19 -15.30
C LYS A 174 8.49 4.46 -15.09
N PRO A 175 8.12 5.71 -14.75
CA PRO A 175 6.74 6.03 -14.33
C PRO A 175 5.60 5.52 -15.22
N LYS A 176 5.64 5.82 -16.51
CA LYS A 176 4.57 5.45 -17.46
C LYS A 176 4.37 3.93 -17.43
N ARG A 177 5.45 3.16 -17.47
CA ARG A 177 5.38 1.69 -17.39
C ARG A 177 4.66 1.31 -16.09
N LEU A 178 5.07 1.88 -14.96
CA LEU A 178 4.46 1.53 -13.63
C LEU A 178 2.99 1.94 -13.62
N GLN A 179 2.63 3.07 -14.19
CA GLN A 179 1.21 3.50 -14.26
C GLN A 179 0.46 2.45 -15.06
N GLU A 180 1.05 1.97 -16.17
CA GLU A 180 0.35 1.05 -17.10
C GLU A 180 0.17 -0.26 -16.38
N TRP A 181 1.17 -0.62 -15.57
CA TRP A 181 1.15 -1.87 -14.79
C TRP A 181 0.00 -1.81 -13.77
N TYR A 182 -0.16 -0.73 -13.06
CA TYR A 182 -1.29 -0.64 -12.08
C TYR A 182 -2.62 -0.65 -12.86
N LYS A 183 -2.67 -0.03 -14.05
CA LYS A 183 -3.94 0.03 -14.84
C LYS A 183 -4.32 -1.37 -15.25
N LYS A 184 -3.36 -2.19 -15.68
CA LYS A 184 -3.63 -3.60 -16.04
C LYS A 184 -4.17 -4.35 -14.80
N MET A 185 -3.49 -4.28 -13.67
CA MET A 185 -3.96 -4.95 -12.44
C MET A 185 -5.39 -4.43 -12.20
N LEU A 186 -5.65 -3.13 -12.27
CA LEU A 186 -7.02 -2.66 -11.94
C LEU A 186 -8.02 -3.07 -13.02
N ASP A 187 -7.65 -3.24 -14.28
CA ASP A 187 -8.64 -3.60 -15.35
C ASP A 187 -9.12 -5.03 -15.10
N LYS A 188 -8.22 -5.87 -14.66
CA LYS A 188 -8.52 -7.26 -14.27
C LYS A 188 -9.47 -7.24 -13.05
N ALA A 189 -9.17 -6.45 -12.01
CA ALA A 189 -10.04 -6.42 -10.80
C ALA A 189 -11.43 -5.92 -11.19
N VAL A 190 -11.52 -5.11 -12.22
CA VAL A 190 -12.81 -4.57 -12.73
C VAL A 190 -13.58 -5.71 -13.44
N SER A 191 -12.90 -6.48 -14.29
CA SER A 191 -13.50 -7.60 -15.06
C SER A 191 -13.97 -8.70 -14.09
N GLU A 192 -13.36 -8.85 -12.91
CA GLU A 192 -13.77 -9.86 -11.88
C GLU A 192 -14.81 -9.29 -10.94
N ARG A 193 -15.22 -8.03 -11.12
CA ARG A 193 -16.28 -7.34 -10.32
C ARG A 193 -15.86 -7.20 -8.85
N ILE A 194 -14.57 -7.06 -8.59
CA ILE A 194 -14.05 -6.70 -7.25
C ILE A 194 -13.98 -5.19 -7.18
N VAL A 195 -13.29 -4.59 -8.16
CA VAL A 195 -13.24 -3.11 -8.22
C VAL A 195 -14.44 -2.64 -9.03
N HIS A 196 -15.14 -1.63 -8.54
CA HIS A 196 -16.31 -1.09 -9.24
C HIS A 196 -15.75 -0.25 -10.39
N ASP A 197 -14.83 0.62 -10.04
CA ASP A 197 -14.16 1.50 -11.02
C ASP A 197 -13.01 2.18 -10.30
N TYR A 198 -12.24 2.95 -11.03
CA TYR A 198 -11.10 3.72 -10.47
C TYR A 198 -10.94 5.02 -11.22
N LYS A 199 -10.32 6.00 -10.57
CA LYS A 199 -10.08 7.33 -11.19
C LYS A 199 -8.72 7.84 -10.73
N ASP A 200 -8.10 8.72 -11.53
CA ASP A 200 -7.01 9.61 -11.02
C ASP A 200 -7.55 10.58 -9.95
N ILE A 201 -6.72 10.92 -8.98
CA ILE A 201 -7.14 11.79 -7.85
C ILE A 201 -7.85 13.06 -8.38
N PHE A 202 -7.42 13.61 -9.50
CA PHE A 202 -8.00 14.89 -9.96
C PHE A 202 -9.45 14.67 -10.43
N LYS A 203 -9.69 13.64 -11.23
CA LYS A 203 -11.07 13.31 -11.68
C LYS A 203 -11.91 12.96 -10.43
N GLN A 204 -11.41 12.17 -9.51
CA GLN A 204 -12.16 11.82 -8.27
C GLN A 204 -12.61 13.10 -7.56
N ALA A 205 -11.70 14.03 -7.31
CA ALA A 205 -11.97 15.26 -6.55
C ALA A 205 -13.06 16.09 -7.26
N THR A 206 -12.86 16.31 -8.54
CA THR A 206 -13.84 17.00 -9.42
C THR A 206 -15.22 16.34 -9.32
N GLU A 207 -15.34 15.02 -9.30
CA GLU A 207 -16.64 14.32 -9.30
C GLU A 207 -17.32 14.34 -7.92
N ASP A 208 -16.56 14.19 -6.83
CA ASP A 208 -16.99 14.36 -5.42
C ASP A 208 -17.25 15.84 -5.11
N ARG A 209 -16.89 16.76 -6.02
CA ARG A 209 -17.09 18.21 -5.82
C ARG A 209 -16.40 18.63 -4.51
N LEU A 210 -15.15 18.20 -4.32
CA LEU A 210 -14.23 18.66 -3.22
C LEU A 210 -14.04 20.18 -3.28
N THR A 211 -14.49 20.86 -2.24
CA THR A 211 -14.52 22.34 -2.19
C THR A 211 -13.47 22.79 -1.17
N SER A 212 -12.90 21.84 -0.42
CA SER A 212 -12.02 22.13 0.74
C SER A 212 -10.97 21.02 0.96
N ALA A 213 -9.75 21.41 1.38
CA ALA A 213 -8.61 20.51 1.63
C ALA A 213 -8.90 19.51 2.74
N LYS A 214 -9.84 19.79 3.64
CA LYS A 214 -10.12 18.90 4.80
C LYS A 214 -10.94 17.69 4.37
N GLU A 215 -11.45 17.68 3.13
CA GLU A 215 -12.27 16.57 2.55
C GLU A 215 -11.32 15.58 1.87
N LEU A 216 -10.02 15.92 1.71
CA LEU A 216 -9.04 15.04 1.03
C LEU A 216 -8.47 14.03 2.03
N PRO A 217 -8.46 12.72 1.70
CA PRO A 217 -7.95 11.73 2.65
C PRO A 217 -6.48 12.06 2.97
N TYR A 218 -6.11 11.87 4.24
CA TYR A 218 -4.86 12.31 4.86
C TYR A 218 -4.11 11.10 5.38
N PHE A 219 -3.10 10.56 4.68
CA PHE A 219 -2.37 9.35 5.13
C PHE A 219 -0.94 9.64 5.58
N GLU A 220 -0.42 8.80 6.49
CA GLU A 220 1.01 8.78 6.90
C GLU A 220 1.98 8.58 5.71
N GLY A 221 2.88 9.53 5.57
CA GLY A 221 4.02 9.58 4.61
C GLY A 221 3.55 9.81 3.18
N ASP A 222 2.31 10.23 3.01
CA ASP A 222 1.75 10.42 1.64
C ASP A 222 2.16 11.79 1.12
N PHE A 223 2.09 11.92 -0.17
CA PHE A 223 2.42 13.16 -0.88
C PHE A 223 1.59 14.34 -0.37
N TRP A 224 0.27 14.18 -0.31
CA TRP A 224 -0.72 15.29 -0.19
C TRP A 224 -0.56 16.07 1.10
N PRO A 225 -0.34 15.48 2.27
CA PRO A 225 -0.11 16.30 3.47
C PRO A 225 1.11 17.21 3.31
N ASN A 226 2.18 16.75 2.65
CA ASN A 226 3.38 17.60 2.51
C ASN A 226 3.03 18.74 1.57
N VAL A 227 2.22 18.47 0.58
CA VAL A 227 1.83 19.48 -0.42
C VAL A 227 1.03 20.56 0.31
N LEU A 228 0.06 20.15 1.10
CA LEU A 228 -0.80 21.08 1.87
C LEU A 228 0.09 21.89 2.82
N GLU A 229 1.10 21.33 3.48
CA GLU A 229 1.94 22.16 4.39
C GLU A 229 2.66 23.23 3.52
N GLU A 230 3.28 22.85 2.37
CA GLU A 230 4.04 23.81 1.48
C GLU A 230 3.08 24.88 0.96
N SER A 231 1.86 24.49 0.57
CA SER A 231 0.87 25.43 -0.03
C SER A 231 0.41 26.43 1.04
N ILE A 232 0.07 25.97 2.24
CA ILE A 232 -0.34 26.88 3.32
C ILE A 232 0.79 27.88 3.60
N LYS A 233 2.04 27.44 3.63
CA LYS A 233 3.18 28.37 3.84
C LYS A 233 3.30 29.41 2.72
N GLU A 234 3.25 28.99 1.44
CA GLU A 234 3.23 29.98 0.32
C GLU A 234 2.13 31.04 0.57
N LEU A 235 0.88 30.62 0.81
CA LEU A 235 -0.29 31.52 0.96
C LEU A 235 -0.10 32.59 2.04
N GLU A 236 0.54 32.25 3.17
CA GLU A 236 0.63 33.09 4.40
C GLU A 236 1.78 34.10 4.26
N GLN A 237 2.67 33.92 3.28
CA GLN A 237 3.73 34.89 2.89
C GLN A 237 3.15 36.12 2.18
N LYS A 238 1.98 35.96 1.54
CA LYS A 238 1.35 36.98 0.71
C LYS A 238 0.82 38.15 1.57
N THR A 239 1.02 39.35 1.04
CA THR A 239 0.41 40.58 1.54
C THR A 239 -0.28 41.23 0.33
N SER A 240 -1.22 42.14 0.60
CA SER A 240 -1.91 42.96 -0.42
C SER A 240 -2.17 44.36 0.15
N LYS A 241 -1.75 45.40 -0.55
CA LYS A 241 -2.10 46.80 -0.22
C LYS A 241 -3.61 46.93 -0.40
N ASN A 242 -4.18 48.06 0.03
CA ASN A 242 -5.65 48.28 -0.09
C ASN A 242 -6.03 48.00 -1.56
N LYS A 243 -7.33 48.05 -1.89
CA LYS A 243 -7.88 47.89 -3.27
C LYS A 243 -8.70 49.15 -3.60
N SER A 244 -9.21 49.24 -4.84
CA SER A 244 -9.98 50.38 -5.43
C SER A 244 -9.20 50.94 -6.64
N SER A 260 -7.62 29.95 1.52
CA SER A 260 -8.87 29.24 1.98
C SER A 260 -9.54 28.56 0.77
N ASN A 261 -10.25 29.38 -0.03
CA ASN A 261 -10.68 29.05 -1.40
C ASN A 261 -9.40 29.00 -2.23
N ASP A 262 -8.43 29.89 -1.93
CA ASP A 262 -7.11 30.00 -2.64
C ASP A 262 -6.23 28.75 -2.39
N LEU A 263 -6.44 28.01 -1.29
CA LEU A 263 -5.79 26.71 -0.96
C LEU A 263 -6.46 25.62 -1.81
N SER A 264 -7.78 25.64 -1.91
CA SER A 264 -8.49 24.71 -2.78
C SER A 264 -7.97 24.89 -4.21
N GLN A 265 -7.75 26.12 -4.67
CA GLN A 265 -7.35 26.43 -6.08
C GLN A 265 -5.95 25.86 -6.37
N LYS A 266 -5.04 25.95 -5.40
CA LYS A 266 -3.68 25.35 -5.49
C LYS A 266 -3.73 23.82 -5.45
N LEU A 267 -4.49 23.26 -4.51
CA LEU A 267 -4.62 21.80 -4.42
C LEU A 267 -5.17 21.24 -5.75
N TYR A 268 -6.17 21.87 -6.33
CA TYR A 268 -6.66 21.44 -7.65
C TYR A 268 -5.54 21.46 -8.68
N ALA A 269 -4.74 22.55 -8.79
CA ALA A 269 -3.65 22.69 -9.78
C ALA A 269 -2.59 21.59 -9.54
N THR A 270 -2.22 21.34 -8.30
CA THR A 270 -1.25 20.26 -8.03
C THR A 270 -1.87 18.89 -8.35
N MET A 271 -3.17 18.69 -8.14
CA MET A 271 -3.84 17.40 -8.47
C MET A 271 -3.84 17.18 -9.99
N GLU A 272 -4.11 18.22 -10.79
CA GLU A 272 -3.98 18.14 -12.25
C GLU A 272 -2.51 17.84 -12.67
N LYS A 273 -1.46 18.53 -12.19
CA LYS A 273 -0.06 18.26 -12.67
C LYS A 273 0.28 16.78 -12.42
N HIS A 274 -0.21 16.17 -11.34
CA HIS A 274 0.27 14.81 -10.87
C HIS A 274 -0.83 13.75 -10.92
N LYS A 275 -1.93 13.98 -11.64
CA LYS A 275 -3.10 13.08 -11.56
C LYS A 275 -2.73 11.61 -11.90
N GLU A 276 -1.86 11.39 -12.89
CA GLU A 276 -1.49 10.06 -13.46
C GLU A 276 -0.83 9.20 -12.36
N VAL A 277 -0.37 9.72 -11.21
CA VAL A 277 0.38 8.84 -10.26
C VAL A 277 -0.48 8.45 -9.07
N PHE A 278 -1.65 9.05 -8.89
CA PHE A 278 -2.51 8.74 -7.72
C PHE A 278 -3.83 8.08 -8.17
N PHE A 279 -4.01 6.82 -7.76
CA PHE A 279 -5.18 5.96 -8.07
C PHE A 279 -6.14 5.97 -6.87
N VAL A 280 -7.40 6.31 -7.11
CA VAL A 280 -8.57 6.12 -6.20
C VAL A 280 -9.48 4.99 -6.73
N ILE A 281 -9.51 3.91 -5.99
CA ILE A 281 -10.08 2.60 -6.38
C ILE A 281 -11.37 2.41 -5.61
N ARG A 282 -12.50 2.50 -6.29
CA ARG A 282 -13.79 2.31 -5.57
C ARG A 282 -14.12 0.82 -5.52
N LEU A 283 -14.14 0.28 -4.30
CA LEU A 283 -14.42 -1.15 -4.03
C LEU A 283 -15.94 -1.33 -3.86
N ILE A 284 -16.61 -0.40 -3.18
CA ILE A 284 -18.07 -0.46 -2.94
C ILE A 284 -18.69 0.88 -3.34
N ALA A 285 -19.67 0.80 -4.23
CA ALA A 285 -20.32 1.90 -4.96
C ALA A 285 -21.79 2.04 -4.55
N GLY A 286 -22.28 3.28 -4.57
CA GLY A 286 -23.73 3.62 -4.57
C GLY A 286 -24.32 3.46 -3.18
N PRO A 287 -25.65 3.14 -3.07
CA PRO A 287 -26.30 2.98 -1.77
C PRO A 287 -25.71 1.82 -0.93
N ALA A 288 -25.18 0.77 -1.56
CA ALA A 288 -24.55 -0.40 -0.87
C ALA A 288 -23.51 0.10 0.14
N ALA A 289 -22.79 1.18 -0.20
CA ALA A 289 -21.71 1.82 0.60
C ALA A 289 -22.25 2.63 1.81
N ASN A 290 -23.55 2.94 1.86
CA ASN A 290 -24.11 3.97 2.79
C ASN A 290 -24.80 3.34 4.01
N SER A 291 -25.10 2.04 3.99
CA SER A 291 -25.72 1.33 5.14
C SER A 291 -24.90 0.08 5.43
N LEU A 292 -23.58 0.20 5.50
CA LEU A 292 -22.68 -0.92 5.83
C LEU A 292 -22.65 -1.09 7.33
N PRO A 293 -22.42 -2.33 7.81
CA PRO A 293 -22.16 -2.53 9.24
C PRO A 293 -20.72 -2.15 9.58
N PRO A 294 -20.39 -1.99 10.87
CA PRO A 294 -19.01 -1.67 11.28
C PRO A 294 -17.97 -2.68 10.74
N ILE A 295 -16.73 -2.24 10.55
CA ILE A 295 -15.58 -3.09 10.15
C ILE A 295 -15.03 -3.76 11.41
N VAL A 296 -15.09 -5.09 11.42
CA VAL A 296 -14.48 -5.98 12.44
C VAL A 296 -13.35 -6.70 11.72
N ASP A 297 -12.09 -6.39 12.04
CA ASP A 297 -10.92 -7.16 11.56
C ASP A 297 -10.83 -8.42 12.40
N PRO A 298 -11.04 -9.63 11.82
CA PRO A 298 -11.05 -10.88 12.58
C PRO A 298 -9.64 -11.31 13.00
N ASP A 299 -8.58 -10.66 12.45
CA ASP A 299 -7.15 -11.00 12.72
C ASP A 299 -6.64 -10.23 13.94
N PRO A 300 -5.82 -10.84 14.82
CA PRO A 300 -5.31 -10.14 16.00
C PRO A 300 -4.12 -9.22 15.68
N LEU A 301 -3.80 -8.29 16.59
CA LEU A 301 -2.50 -7.54 16.59
C LEU A 301 -1.38 -8.57 16.56
N ILE A 302 -0.32 -8.24 15.81
CA ILE A 302 0.99 -8.95 15.77
C ILE A 302 2.11 -7.93 16.02
N PRO A 303 2.62 -7.80 17.27
CA PRO A 303 3.81 -7.00 17.53
C PRO A 303 5.02 -7.76 16.97
N CYS A 304 5.96 -7.03 16.37
CA CYS A 304 7.15 -7.54 15.63
C CYS A 304 7.97 -6.31 15.24
N ASP A 305 8.67 -5.73 16.19
CA ASP A 305 9.60 -4.60 16.00
C ASP A 305 10.37 -4.75 14.68
N LEU A 306 10.71 -5.97 14.23
CA LEU A 306 11.50 -6.18 12.97
C LEU A 306 10.79 -5.62 11.73
N MET A 307 9.45 -5.61 11.73
CA MET A 307 8.63 -5.36 10.53
C MET A 307 7.68 -4.19 10.83
N ASP A 308 8.01 -3.43 11.89
CA ASP A 308 7.34 -2.15 12.26
C ASP A 308 7.89 -1.01 11.38
N GLY A 309 7.22 -0.72 10.27
CA GLY A 309 7.80 0.07 9.17
C GLY A 309 8.83 -0.76 8.42
N ARG A 310 9.37 -0.18 7.34
CA ARG A 310 10.35 -0.82 6.42
C ARG A 310 11.80 -0.73 6.96
N ASP A 311 12.13 0.25 7.81
CA ASP A 311 13.55 0.62 8.15
C ASP A 311 14.25 -0.51 8.90
N ALA A 312 13.63 -1.08 9.94
CA ALA A 312 14.31 -2.05 10.84
C ALA A 312 14.82 -3.24 10.01
N PHE A 313 14.09 -3.63 8.98
CA PHE A 313 14.43 -4.81 8.16
C PHE A 313 15.55 -4.45 7.17
N LEU A 314 15.53 -3.24 6.62
CA LEU A 314 16.69 -2.71 5.84
C LEU A 314 17.93 -2.63 6.76
N THR A 315 17.78 -2.26 8.03
CA THR A 315 18.93 -2.14 8.98
C THR A 315 19.51 -3.54 9.31
N LEU A 316 18.67 -4.52 9.64
CA LEU A 316 19.17 -5.86 10.02
C LEU A 316 19.89 -6.48 8.84
N ALA A 317 19.29 -6.39 7.67
CA ALA A 317 19.89 -6.92 6.43
C ALA A 317 21.31 -6.37 6.26
N ARG A 318 21.50 -5.04 6.19
CA ARG A 318 22.84 -4.34 6.13
C ARG A 318 23.79 -4.91 7.20
N ASP A 319 23.35 -4.98 8.45
CA ASP A 319 24.18 -5.37 9.63
C ASP A 319 24.59 -6.83 9.54
N LYS A 320 23.73 -7.74 9.05
CA LYS A 320 24.01 -9.19 8.89
C LYS A 320 24.37 -9.49 7.43
N HIS A 321 24.62 -8.48 6.61
CA HIS A 321 25.15 -8.59 5.21
C HIS A 321 24.21 -9.45 4.34
N LEU A 322 22.91 -9.46 4.66
CA LEU A 322 21.86 -10.09 3.81
C LEU A 322 21.77 -9.28 2.51
N GLU A 323 21.53 -9.98 1.41
CA GLU A 323 21.39 -9.34 0.09
C GLU A 323 20.32 -10.13 -0.65
N PHE A 324 19.61 -9.51 -1.57
CA PHE A 324 18.60 -10.21 -2.39
C PHE A 324 18.99 -10.08 -3.85
N SER A 325 20.31 -10.09 -4.11
CA SER A 325 20.96 -9.66 -5.38
C SER A 325 21.23 -10.87 -6.30
N SER A 326 20.98 -12.09 -5.82
CA SER A 326 20.97 -13.31 -6.65
C SER A 326 20.08 -14.33 -5.96
N LEU A 327 19.67 -15.35 -6.72
CA LEU A 327 18.79 -16.42 -6.22
C LEU A 327 19.39 -16.99 -4.92
N ARG A 328 20.69 -17.34 -4.93
CA ARG A 328 21.40 -17.98 -3.79
C ARG A 328 21.40 -17.01 -2.59
N ARG A 329 21.90 -15.79 -2.75
CA ARG A 329 21.96 -14.82 -1.62
C ARG A 329 20.53 -14.59 -1.07
N ALA A 330 19.52 -14.46 -1.92
CA ALA A 330 18.13 -14.14 -1.50
C ALA A 330 17.48 -15.35 -0.82
N GLN A 331 17.78 -16.57 -1.28
CA GLN A 331 17.42 -17.82 -0.58
C GLN A 331 18.09 -17.84 0.80
N TRP A 332 19.37 -17.48 0.85
CA TRP A 332 20.14 -17.36 2.12
C TRP A 332 19.49 -16.32 3.06
N SER A 333 19.17 -15.14 2.54
CA SER A 333 18.58 -14.01 3.33
C SER A 333 17.14 -14.34 3.77
N THR A 334 16.38 -15.08 2.96
CA THR A 334 15.01 -15.50 3.34
C THR A 334 15.12 -16.35 4.62
N GLY A 335 15.97 -17.35 4.58
CA GLY A 335 16.22 -18.26 5.72
C GLY A 335 16.57 -17.49 6.97
N CYS A 336 17.50 -16.53 6.86
CA CYS A 336 17.95 -15.69 8.01
C CYS A 336 16.80 -14.77 8.46
N MET A 337 15.98 -14.28 7.55
CA MET A 337 14.78 -13.44 7.83
C MET A 337 13.83 -14.27 8.71
N LEU A 338 13.56 -15.52 8.32
CA LEU A 338 12.57 -16.39 8.98
C LEU A 338 13.09 -16.76 10.39
N VAL A 339 14.38 -17.07 10.54
CA VAL A 339 15.00 -17.36 11.87
C VAL A 339 14.68 -16.19 12.81
N GLU A 340 15.03 -14.97 12.40
CA GLU A 340 14.88 -13.76 13.25
C GLU A 340 13.41 -13.48 13.58
N LEU A 341 12.45 -13.96 12.77
CA LEU A 341 10.99 -13.67 12.93
C LEU A 341 10.37 -14.62 13.99
N HIS A 342 10.78 -15.90 14.05
CA HIS A 342 10.38 -16.89 15.09
C HIS A 342 11.07 -16.59 16.44
N THR A 343 12.31 -16.06 16.40
CA THR A 343 13.12 -15.64 17.58
C THR A 343 12.36 -14.57 18.39
N GLN A 344 12.22 -13.35 17.83
CA GLN A 344 11.61 -12.17 18.51
C GLN A 344 10.09 -12.20 18.30
#